data_6Y2B
#
_entry.id   6Y2B
#
_cell.length_a   50.768
_cell.length_b   82.214
_cell.length_c   109.491
_cell.angle_alpha   90.000
_cell.angle_beta   90.000
_cell.angle_gamma   90.000
#
_symmetry.space_group_name_H-M   'P 21 21 21'
#
loop_
_entity.id
_entity.type
_entity.pdbx_description
1 polymer 'Lymphocyte antigen HLA-B27'
2 polymer Beta-2-microglobulin
3 polymer mQ
4 non-polymer GLYCEROL
5 water water
#
loop_
_entity_poly.entity_id
_entity_poly.type
_entity_poly.pdbx_seq_one_letter_code
_entity_poly.pdbx_strand_id
1 'polypeptide(L)'
;GSHSMRYFHTSVSRPGRGEPRFITVGYVDDTLFVRFDSDAASPREEPRAPWIEQEGPEYWDRETQICKAKAQTDREDLRT
LLRYYNQSEAGSHTLQNMYGCDVGPDGRLLRGYHQHAYDGKDYIALNEDLSSWTAADTAAQITQRKWEAARVAEQLRAYL
EGECVEWLRRYLENGKETLQRADPPKTHVTHHPISDHEATLRCWALGFYPAEITLTWQRDGEDQTQDTELVETRPAGDRT
FQKWAAVVVPSGEEQRYTCHVQHEGLPKPLTLRWEP
;
A
2 'polypeptide(L)'
;MIQRTPKIQVYSRHPAENGKSNFLNCYVSGFHPSDIEVDLLKNGERIEKVEHSDLSFSKDWSFYLLYYTEFTPTEKDEYA
CRVNHVTLSQPKIVKWDRDM
;
B
3 'polypeptide(L)' GRLNQPIKV C
#
loop_
_chem_comp.id
_chem_comp.type
_chem_comp.name
_chem_comp.formula
GOL non-polymer GLYCEROL 'C3 H8 O3'
#
# COMPACT_ATOMS: atom_id res chain seq x y z
N GLY A 1 -14.27 -14.60 -6.39
CA GLY A 1 -13.20 -15.57 -6.18
C GLY A 1 -12.74 -15.54 -4.74
N SER A 2 -11.46 -15.35 -4.57
CA SER A 2 -10.85 -15.40 -3.24
C SER A 2 -10.66 -13.99 -2.70
N HIS A 3 -10.56 -13.89 -1.38
CA HIS A 3 -10.60 -12.58 -0.74
C HIS A 3 -9.73 -12.60 0.50
N SER A 4 -9.42 -11.41 0.99
CA SER A 4 -8.62 -11.24 2.19
C SER A 4 -9.16 -10.10 3.03
N MET A 5 -8.91 -10.20 4.33
CA MET A 5 -9.08 -9.08 5.27
C MET A 5 -7.79 -8.94 6.03
N ARG A 6 -7.23 -7.73 6.07
N ARG A 6 -7.23 -7.74 6.10
CA ARG A 6 -5.96 -7.45 6.73
CA ARG A 6 -5.95 -7.55 6.79
C ARG A 6 -6.12 -6.23 7.62
C ARG A 6 -5.99 -6.23 7.55
N TYR A 7 -5.45 -6.26 8.76
CA TYR A 7 -5.24 -5.09 9.61
C TYR A 7 -3.75 -4.79 9.70
N PHE A 8 -3.38 -3.54 9.48
CA PHE A 8 -2.00 -3.08 9.50
C PHE A 8 -1.88 -2.10 10.66
N HIS A 9 -0.75 -2.14 11.34
CA HIS A 9 -0.53 -1.26 12.50
C HIS A 9 0.90 -0.80 12.47
N THR A 10 1.11 0.50 12.73
CA THR A 10 2.46 1.06 12.83
C THR A 10 2.50 2.02 14.01
N SER A 11 3.47 1.83 14.90
CA SER A 11 3.81 2.82 15.93
C SER A 11 5.22 3.27 15.67
N VAL A 12 5.43 4.59 15.79
CA VAL A 12 6.74 5.23 15.52
C VAL A 12 7.06 6.13 16.73
N SER A 13 8.12 5.77 17.47
CA SER A 13 8.48 6.61 18.61
C SER A 13 9.15 7.89 18.13
N ARG A 14 9.09 8.87 19.02
CA ARG A 14 9.57 10.23 18.71
C ARG A 14 10.04 10.85 20.04
N PRO A 15 11.17 10.39 20.57
CA PRO A 15 11.58 10.86 21.90
C PRO A 15 11.72 12.37 21.96
N GLY A 16 11.15 12.93 23.02
CA GLY A 16 11.14 14.38 23.21
C GLY A 16 10.02 15.08 22.51
N ARG A 17 9.20 14.38 21.77
CA ARG A 17 8.07 14.88 20.99
C ARG A 17 6.80 14.10 21.31
N GLY A 18 6.63 13.73 22.59
CA GLY A 18 5.46 13.04 23.09
C GLY A 18 5.55 11.54 22.85
N GLU A 19 4.41 10.89 22.90
CA GLU A 19 4.33 9.45 22.83
C GLU A 19 4.31 8.97 21.39
N PRO A 20 4.63 7.70 21.15
CA PRO A 20 4.67 7.19 19.76
C PRO A 20 3.35 7.36 19.03
N ARG A 21 3.45 7.78 17.78
CA ARG A 21 2.25 7.89 16.98
C ARG A 21 1.82 6.49 16.51
N PHE A 22 0.53 6.19 16.64
CA PHE A 22 -0.04 4.89 16.28
C PHE A 22 -1.06 5.10 15.15
N ILE A 23 -0.88 4.38 14.03
CA ILE A 23 -1.79 4.41 12.89
C ILE A 23 -2.13 2.98 12.50
N THR A 24 -3.43 2.69 12.44
CA THR A 24 -3.87 1.37 11.98
C THR A 24 -4.94 1.55 10.91
N VAL A 25 -4.86 0.73 9.87
CA VAL A 25 -5.83 0.70 8.79
C VAL A 25 -6.27 -0.74 8.58
N GLY A 26 -7.51 -0.90 8.12
CA GLY A 26 -8.03 -2.22 7.76
C GLY A 26 -8.42 -2.22 6.30
N TYR A 27 -8.14 -3.35 5.62
CA TYR A 27 -8.48 -3.56 4.21
C TYR A 27 -9.29 -4.84 4.06
N VAL A 28 -10.22 -4.83 3.10
CA VAL A 28 -10.72 -6.06 2.50
C VAL A 28 -10.19 -6.02 1.08
N ASP A 29 -9.40 -7.01 0.70
CA ASP A 29 -8.75 -7.02 -0.65
C ASP A 29 -7.96 -5.72 -0.75
N ASP A 30 -8.16 -4.92 -1.80
CA ASP A 30 -7.44 -3.65 -1.97
C ASP A 30 -8.30 -2.46 -1.63
N THR A 31 -9.31 -2.65 -0.79
CA THR A 31 -10.22 -1.58 -0.38
C THR A 31 -10.03 -1.24 1.10
N LEU A 32 -9.57 -0.03 1.37
CA LEU A 32 -9.48 0.51 2.73
C LEU A 32 -10.87 0.66 3.30
N PHE A 33 -11.11 0.15 4.51
CA PHE A 33 -12.43 0.33 5.07
C PHE A 33 -12.49 0.95 6.45
N VAL A 34 -11.40 0.93 7.24
CA VAL A 34 -11.36 1.60 8.54
C VAL A 34 -9.97 2.18 8.76
N ARG A 35 -9.91 3.22 9.58
CA ARG A 35 -8.65 3.84 9.98
C ARG A 35 -8.75 4.37 11.41
N PHE A 36 -7.59 4.43 12.07
CA PHE A 36 -7.48 5.05 13.38
C PHE A 36 -6.09 5.69 13.46
N ASP A 37 -5.99 6.92 13.93
CA ASP A 37 -4.73 7.63 14.06
C ASP A 37 -4.72 8.27 15.44
N SER A 38 -3.74 7.93 16.28
CA SER A 38 -3.69 8.53 17.61
C SER A 38 -3.43 10.03 17.59
N ASP A 39 -2.94 10.59 16.49
CA ASP A 39 -2.75 12.04 16.40
C ASP A 39 -3.98 12.79 15.93
N ALA A 40 -5.05 12.09 15.60
CA ALA A 40 -6.30 12.78 15.33
C ALA A 40 -6.72 13.55 16.57
N ALA A 41 -7.43 14.67 16.38
CA ALA A 41 -7.88 15.45 17.53
C ALA A 41 -8.69 14.61 18.50
N SER A 42 -9.61 13.77 17.99
CA SER A 42 -10.43 12.88 18.82
C SER A 42 -10.34 11.48 18.23
N PRO A 43 -9.34 10.70 18.62
CA PRO A 43 -9.11 9.41 17.94
C PRO A 43 -10.29 8.47 18.07
N ARG A 44 -10.85 8.09 16.94
N ARG A 44 -10.67 7.88 16.94
CA ARG A 44 -11.86 7.05 16.89
CA ARG A 44 -11.77 6.93 16.87
C ARG A 44 -11.48 6.20 15.69
C ARG A 44 -11.64 6.15 15.57
N GLU A 45 -11.92 4.96 15.69
N GLU A 45 -11.97 4.85 15.61
CA GLU A 45 -11.90 4.31 14.40
CA GLU A 45 -12.05 4.06 14.38
C GLU A 45 -12.99 4.90 13.53
C GLU A 45 -13.09 4.70 13.46
N GLU A 46 -12.62 5.16 12.29
CA GLU A 46 -13.52 5.82 11.34
C GLU A 46 -13.74 4.97 10.08
N PRO A 47 -14.97 4.98 9.55
CA PRO A 47 -15.25 4.29 8.29
C PRO A 47 -14.57 4.95 7.11
N ARG A 48 -14.20 4.11 6.15
CA ARG A 48 -13.62 4.60 4.90
C ARG A 48 -14.21 3.92 3.67
N ALA A 49 -15.24 3.09 3.84
CA ALA A 49 -15.94 2.49 2.73
C ALA A 49 -17.42 2.51 3.04
N PRO A 50 -18.28 2.65 2.02
CA PRO A 50 -19.71 2.82 2.31
C PRO A 50 -20.35 1.64 3.01
N TRP A 51 -19.88 0.41 2.73
CA TRP A 51 -20.52 -0.79 3.26
C TRP A 51 -20.22 -1.03 4.73
N ILE A 52 -19.26 -0.32 5.33
CA ILE A 52 -19.03 -0.46 6.78
C ILE A 52 -19.83 0.57 7.57
N GLU A 53 -20.39 1.57 6.89
CA GLU A 53 -21.05 2.67 7.62
C GLU A 53 -22.28 2.19 8.34
N GLN A 54 -22.91 1.12 7.85
CA GLN A 54 -24.11 0.58 8.46
C GLN A 54 -23.84 -0.11 9.79
N GLU A 55 -22.59 -0.41 10.13
CA GLU A 55 -22.31 -0.97 11.44
C GLU A 55 -22.76 0.04 12.50
N GLY A 56 -23.35 -0.48 13.58
CA GLY A 56 -23.94 0.36 14.59
C GLY A 56 -22.94 0.90 15.59
N PRO A 57 -23.46 1.69 16.55
CA PRO A 57 -22.57 2.37 17.49
C PRO A 57 -21.76 1.42 18.34
N GLU A 58 -22.28 0.24 18.66
N GLU A 58 -22.29 0.24 18.68
CA GLU A 58 -21.52 -0.70 19.48
CA GLU A 58 -21.53 -0.71 19.47
C GLU A 58 -20.29 -1.21 18.74
C GLU A 58 -20.28 -1.16 18.75
N TYR A 59 -20.39 -1.40 17.43
CA TYR A 59 -19.23 -1.77 16.62
C TYR A 59 -18.15 -0.71 16.71
N TRP A 60 -18.52 0.57 16.50
CA TRP A 60 -17.51 1.63 16.49
C TRP A 60 -16.89 1.82 17.86
N ASP A 61 -17.70 1.69 18.92
N ASP A 61 -17.67 1.67 18.91
CA ASP A 61 -17.17 1.76 20.29
CA ASP A 61 -17.10 1.78 20.25
C ASP A 61 -16.16 0.66 20.56
C ASP A 61 -16.12 0.65 20.53
N ARG A 62 -16.52 -0.59 20.24
CA ARG A 62 -15.66 -1.73 20.50
C ARG A 62 -14.37 -1.62 19.69
N GLU A 63 -14.49 -1.27 18.40
N GLU A 63 -14.47 -1.27 18.40
CA GLU A 63 -13.31 -1.13 17.54
CA GLU A 63 -13.26 -1.20 17.60
C GLU A 63 -12.38 -0.05 18.08
C GLU A 63 -12.38 -0.03 17.99
N THR A 64 -12.97 1.08 18.48
CA THR A 64 -12.15 2.18 18.99
C THR A 64 -11.43 1.76 20.26
N GLN A 65 -12.13 1.03 21.15
N GLN A 65 -12.12 1.03 21.15
CA GLN A 65 -11.51 0.53 22.36
CA GLN A 65 -11.48 0.55 22.36
C GLN A 65 -10.33 -0.38 22.04
C GLN A 65 -10.32 -0.39 22.04
N ILE A 66 -10.50 -1.27 21.06
CA ILE A 66 -9.42 -2.18 20.68
C ILE A 66 -8.22 -1.39 20.17
N CYS A 67 -8.47 -0.40 19.32
CA CYS A 67 -7.38 0.40 18.76
C CYS A 67 -6.65 1.19 19.84
N LYS A 68 -7.39 1.82 20.77
N LYS A 68 -7.39 1.79 20.78
CA LYS A 68 -6.73 2.53 21.86
CA LYS A 68 -6.71 2.54 21.84
C LYS A 68 -5.87 1.58 22.68
C LYS A 68 -5.90 1.61 22.75
N ALA A 69 -6.39 0.40 23.01
CA ALA A 69 -5.62 -0.54 23.82
C ALA A 69 -4.36 -0.99 23.09
N LYS A 70 -4.46 -1.23 21.77
CA LYS A 70 -3.30 -1.64 20.99
C LYS A 70 -2.27 -0.51 20.91
N ALA A 71 -2.72 0.75 20.82
CA ALA A 71 -1.77 1.87 20.85
C ALA A 71 -0.95 1.79 22.14
N GLN A 72 -1.60 1.49 23.27
CA GLN A 72 -0.90 1.43 24.54
C GLN A 72 0.02 0.22 24.62
N THR A 73 -0.41 -0.95 24.14
CA THR A 73 0.52 -2.07 24.22
C THR A 73 1.71 -1.85 23.29
N ASP A 74 1.50 -1.19 22.13
CA ASP A 74 2.65 -0.91 21.26
C ASP A 74 3.66 -0.01 21.95
N ARG A 75 3.20 0.91 22.79
CA ARG A 75 4.14 1.78 23.47
C ARG A 75 4.94 1.02 24.53
N GLU A 76 4.28 0.08 25.22
CA GLU A 76 5.03 -0.80 26.12
C GLU A 76 6.00 -1.67 25.34
N ASP A 77 5.56 -2.21 24.19
CA ASP A 77 6.43 -3.02 23.33
C ASP A 77 7.65 -2.25 22.86
N LEU A 78 7.47 -0.98 22.41
CA LEU A 78 8.64 -0.22 21.99
C LEU A 78 9.63 -0.05 23.14
N ARG A 79 9.15 0.17 24.38
CA ARG A 79 10.05 0.20 25.53
C ARG A 79 10.76 -1.14 25.74
N THR A 80 10.04 -2.26 25.62
CA THR A 80 10.64 -3.57 25.77
C THR A 80 11.71 -3.79 24.72
N LEU A 81 11.43 -3.38 23.47
CA LEU A 81 12.38 -3.66 22.40
C LEU A 81 13.69 -2.89 22.57
N LEU A 82 13.64 -1.67 23.14
CA LEU A 82 14.91 -1.01 23.46
C LEU A 82 15.75 -1.84 24.41
N ARG A 83 15.12 -2.49 25.38
CA ARG A 83 15.90 -3.38 26.26
C ARG A 83 16.43 -4.57 25.48
N TYR A 84 15.57 -5.22 24.68
CA TYR A 84 15.99 -6.46 23.99
C TYR A 84 17.18 -6.22 23.07
N TYR A 85 17.29 -5.02 22.46
CA TYR A 85 18.35 -4.71 21.52
C TYR A 85 19.43 -3.83 22.12
N ASN A 86 19.37 -3.59 23.43
CA ASN A 86 20.37 -2.78 24.12
C ASN A 86 20.49 -1.38 23.55
N GLN A 87 19.37 -0.77 23.22
CA GLN A 87 19.35 0.50 22.51
C GLN A 87 19.11 1.65 23.47
N SER A 88 19.63 2.82 23.09
N SER A 88 19.56 2.81 23.01
CA SER A 88 19.37 3.98 23.91
CA SER A 88 19.37 4.10 23.65
C SER A 88 17.93 4.46 23.70
C SER A 88 17.89 4.50 23.63
N GLU A 89 17.49 5.32 24.59
CA GLU A 89 16.16 5.92 24.55
C GLU A 89 16.10 7.14 23.64
N ALA A 90 17.19 7.48 22.95
CA ALA A 90 17.23 8.73 22.24
C ALA A 90 16.64 8.70 20.85
N GLY A 91 16.62 7.55 20.15
CA GLY A 91 16.22 7.51 18.75
C GLY A 91 14.78 7.11 18.50
N SER A 92 14.33 7.39 17.28
CA SER A 92 13.04 6.92 16.79
C SER A 92 13.12 5.47 16.31
N HIS A 93 12.12 4.66 16.72
CA HIS A 93 12.01 3.26 16.31
C HIS A 93 10.60 2.97 15.84
N THR A 94 10.45 1.88 15.10
CA THR A 94 9.20 1.53 14.44
C THR A 94 8.77 0.13 14.82
N LEU A 95 7.49 -0.03 15.17
CA LEU A 95 6.92 -1.37 15.39
C LEU A 95 5.74 -1.52 14.48
N GLN A 96 5.74 -2.59 13.67
CA GLN A 96 4.68 -2.86 12.70
C GLN A 96 4.10 -4.24 13.01
N ASN A 97 2.79 -4.38 12.82
CA ASN A 97 2.13 -5.67 12.89
C ASN A 97 1.07 -5.74 11.83
N MET A 98 0.96 -6.90 11.18
CA MET A 98 -0.13 -7.22 10.28
C MET A 98 -0.75 -8.52 10.74
N TYR A 99 -2.07 -8.59 10.65
CA TYR A 99 -2.73 -9.89 10.81
C TYR A 99 -3.94 -9.93 9.92
N GLY A 100 -4.46 -11.12 9.67
CA GLY A 100 -5.71 -11.27 8.94
C GLY A 100 -5.80 -12.63 8.28
N CYS A 101 -6.74 -12.72 7.38
CA CYS A 101 -7.11 -14.03 6.83
C CYS A 101 -7.36 -13.90 5.33
N ASP A 102 -7.03 -14.98 4.58
CA ASP A 102 -7.39 -15.18 3.18
C ASP A 102 -8.43 -16.29 3.14
N VAL A 103 -9.46 -16.13 2.32
CA VAL A 103 -10.47 -17.16 2.11
C VAL A 103 -10.63 -17.41 0.61
N GLY A 104 -11.14 -18.61 0.30
CA GLY A 104 -11.43 -18.98 -1.06
C GLY A 104 -12.85 -18.62 -1.42
N PRO A 105 -13.25 -18.97 -2.65
CA PRO A 105 -14.59 -18.62 -3.14
C PRO A 105 -15.71 -19.12 -2.27
N ASP A 106 -15.52 -20.23 -1.60
CA ASP A 106 -16.54 -20.76 -0.71
C ASP A 106 -16.47 -20.21 0.70
N GLY A 107 -15.56 -19.27 0.94
CA GLY A 107 -15.45 -18.58 2.21
C GLY A 107 -14.68 -19.30 3.30
N ARG A 108 -14.07 -20.44 3.01
CA ARG A 108 -13.32 -21.11 4.07
C ARG A 108 -11.90 -20.55 4.18
N LEU A 109 -11.33 -20.60 5.39
CA LEU A 109 -9.95 -20.14 5.59
C LEU A 109 -8.96 -20.85 4.68
N LEU A 110 -8.20 -20.08 3.91
CA LEU A 110 -7.07 -20.54 3.11
C LEU A 110 -5.76 -20.36 3.81
N ARG A 111 -5.55 -19.24 4.53
CA ARG A 111 -4.29 -18.91 5.20
C ARG A 111 -4.61 -17.82 6.19
N GLY A 112 -4.06 -17.88 7.38
CA GLY A 112 -4.04 -16.78 8.34
C GLY A 112 -2.65 -16.24 8.55
N TYR A 113 -2.59 -15.03 9.10
CA TYR A 113 -1.33 -14.32 9.33
C TYR A 113 -1.40 -13.57 10.63
N HIS A 114 -0.24 -13.48 11.30
CA HIS A 114 -0.05 -12.52 12.40
C HIS A 114 1.45 -12.35 12.54
N GLN A 115 1.98 -11.18 12.20
CA GLN A 115 3.44 -11.01 12.14
C GLN A 115 3.83 -9.61 12.50
N HIS A 116 5.03 -9.50 13.05
CA HIS A 116 5.59 -8.25 13.54
C HIS A 116 6.92 -7.98 12.86
N ALA A 117 7.25 -6.69 12.73
CA ALA A 117 8.56 -6.20 12.34
C ALA A 117 8.98 -5.06 13.26
N TYR A 118 10.26 -4.99 13.55
CA TYR A 118 10.85 -3.92 14.37
C TYR A 118 11.92 -3.25 13.55
N ASP A 119 11.82 -1.93 13.44
CA ASP A 119 12.76 -1.13 12.63
C ASP A 119 12.88 -1.64 11.21
N GLY A 120 11.74 -2.05 10.66
CA GLY A 120 11.64 -2.46 9.26
C GLY A 120 12.10 -3.87 8.97
N LYS A 121 12.48 -4.63 9.99
CA LYS A 121 12.99 -6.00 9.86
C LYS A 121 12.00 -6.97 10.46
N ASP A 122 11.83 -8.13 9.82
CA ASP A 122 11.03 -9.20 10.42
C ASP A 122 11.48 -9.45 11.83
N TYR A 123 10.51 -9.60 12.74
CA TYR A 123 10.78 -9.79 14.16
C TYR A 123 10.23 -11.16 14.56
N ILE A 124 8.91 -11.38 14.59
CA ILE A 124 8.36 -12.70 14.87
C ILE A 124 7.08 -12.85 14.07
N ALA A 125 6.82 -14.07 13.56
CA ALA A 125 5.69 -14.35 12.70
C ALA A 125 5.04 -15.65 13.14
N LEU A 126 3.73 -15.66 13.21
CA LEU A 126 2.99 -16.92 13.37
C LEU A 126 3.13 -17.69 12.07
N ASN A 127 3.55 -18.96 12.19
CA ASN A 127 3.69 -19.80 11.00
C ASN A 127 2.33 -20.17 10.39
N GLU A 128 2.37 -20.67 9.15
CA GLU A 128 1.14 -21.03 8.47
C GLU A 128 0.29 -22.05 9.23
N ASP A 129 0.92 -22.88 10.08
CA ASP A 129 0.16 -23.80 10.91
C ASP A 129 -0.73 -23.13 11.95
N LEU A 130 -0.56 -21.81 12.17
CA LEU A 130 -1.28 -21.10 13.23
C LEU A 130 -1.05 -21.70 14.60
N SER A 131 0.12 -22.32 14.77
CA SER A 131 0.40 -23.00 16.04
CA SER A 131 0.43 -23.07 16.00
C SER A 131 1.83 -22.86 16.51
N SER A 132 2.78 -22.48 15.67
CA SER A 132 4.18 -22.32 16.04
C SER A 132 4.69 -20.99 15.45
N TRP A 133 5.87 -20.59 15.89
CA TRP A 133 6.41 -19.25 15.64
C TRP A 133 7.74 -19.32 14.93
N THR A 134 8.03 -18.32 14.11
CA THR A 134 9.36 -18.09 13.54
C THR A 134 9.87 -16.77 14.09
N ALA A 135 10.91 -16.83 14.91
CA ALA A 135 11.59 -15.70 15.49
C ALA A 135 12.83 -15.38 14.66
N ALA A 136 13.02 -14.09 14.33
CA ALA A 136 14.11 -13.70 13.42
C ALA A 136 15.47 -13.68 14.08
N ASP A 137 15.52 -13.58 15.41
CA ASP A 137 16.77 -13.35 16.11
C ASP A 137 16.58 -13.72 17.57
N THR A 138 17.65 -13.54 18.37
CA THR A 138 17.58 -14.00 19.76
C THR A 138 16.67 -13.11 20.61
N ALA A 139 16.47 -11.84 20.22
CA ALA A 139 15.49 -11.01 20.91
C ALA A 139 14.07 -11.52 20.67
N ALA A 140 13.74 -11.81 19.40
CA ALA A 140 12.41 -12.34 19.13
C ALA A 140 12.22 -13.71 19.77
N GLN A 141 13.28 -14.48 20.05
CA GLN A 141 13.14 -15.74 20.78
C GLN A 141 12.65 -15.51 22.20
N ILE A 142 12.98 -14.36 22.79
CA ILE A 142 12.47 -14.03 24.13
C ILE A 142 10.97 -13.85 24.07
N THR A 143 10.51 -13.11 23.07
CA THR A 143 9.07 -13.00 22.83
C THR A 143 8.44 -14.36 22.57
N GLN A 144 9.07 -15.18 21.73
CA GLN A 144 8.53 -16.52 21.41
C GLN A 144 8.33 -17.33 22.68
N ARG A 145 9.33 -17.32 23.58
CA ARG A 145 9.17 -18.06 24.84
C ARG A 145 7.97 -17.53 25.62
N LYS A 146 7.79 -16.19 25.69
CA LYS A 146 6.64 -15.68 26.43
C LYS A 146 5.32 -16.08 25.76
N TRP A 147 5.28 -16.05 24.44
CA TRP A 147 4.04 -16.35 23.73
C TRP A 147 3.73 -17.84 23.76
N GLU A 148 4.76 -18.71 23.74
CA GLU A 148 4.55 -20.15 23.94
C GLU A 148 4.02 -20.43 25.35
N ALA A 149 4.58 -19.76 26.36
CA ALA A 149 4.13 -19.99 27.74
C ALA A 149 2.68 -19.59 27.95
N ALA A 150 2.24 -18.54 27.25
CA ALA A 150 0.90 -18.02 27.40
C ALA A 150 -0.07 -18.59 26.38
N ARG A 151 0.37 -19.53 25.52
CA ARG A 151 -0.49 -20.13 24.51
C ARG A 151 -1.19 -19.06 23.66
N VAL A 152 -0.40 -18.05 23.26
CA VAL A 152 -0.92 -16.99 22.39
C VAL A 152 -1.40 -17.56 21.05
N ALA A 153 -0.64 -18.47 20.48
CA ALA A 153 -0.98 -18.96 19.14
C ALA A 153 -2.38 -19.56 19.11
N GLU A 154 -2.77 -20.27 20.15
CA GLU A 154 -4.08 -20.92 20.17
C GLU A 154 -5.18 -19.88 20.11
N GLN A 155 -4.99 -18.76 20.79
N GLN A 155 -5.00 -18.75 20.80
CA GLN A 155 -5.97 -17.68 20.74
CA GLN A 155 -6.03 -17.71 20.73
C GLN A 155 -6.01 -17.06 19.36
C GLN A 155 -6.01 -16.99 19.39
N LEU A 156 -4.85 -16.86 18.75
CA LEU A 156 -4.82 -16.29 17.40
C LEU A 156 -5.46 -17.22 16.42
N ARG A 157 -5.16 -18.53 16.50
CA ARG A 157 -5.80 -19.47 15.61
C ARG A 157 -7.32 -19.39 15.72
N ALA A 158 -7.85 -19.31 16.95
CA ALA A 158 -9.29 -19.24 17.12
C ALA A 158 -9.87 -18.01 16.43
N TYR A 159 -9.21 -16.87 16.56
CA TYR A 159 -9.69 -15.68 15.87
C TYR A 159 -9.61 -15.85 14.35
N LEU A 160 -8.44 -16.27 13.86
CA LEU A 160 -8.20 -16.27 12.43
C LEU A 160 -9.11 -17.24 11.70
N GLU A 161 -9.38 -18.40 12.30
CA GLU A 161 -10.27 -19.37 11.66
C GLU A 161 -11.73 -19.09 11.91
N GLY A 162 -12.06 -18.29 12.92
CA GLY A 162 -13.42 -18.03 13.35
C GLY A 162 -13.87 -16.62 13.02
N GLU A 163 -13.72 -15.71 13.98
CA GLU A 163 -14.21 -14.34 13.79
C GLU A 163 -13.67 -13.73 12.49
N CYS A 164 -12.38 -13.88 12.20
CA CYS A 164 -11.82 -13.20 11.03
C CYS A 164 -12.58 -13.59 9.77
N VAL A 165 -12.79 -14.89 9.56
CA VAL A 165 -13.47 -15.37 8.35
C VAL A 165 -14.94 -14.95 8.36
N GLU A 166 -15.57 -14.93 9.54
CA GLU A 166 -16.99 -14.53 9.64
C GLU A 166 -17.18 -13.06 9.37
N TRP A 167 -16.28 -12.22 9.89
CA TRP A 167 -16.35 -10.82 9.51
C TRP A 167 -16.16 -10.63 8.02
N LEU A 168 -15.15 -11.29 7.45
CA LEU A 168 -14.92 -11.14 6.01
C LEU A 168 -16.13 -11.56 5.20
N ARG A 169 -16.80 -12.64 5.60
CA ARG A 169 -18.01 -13.07 4.89
C ARG A 169 -19.09 -12.00 4.96
N ARG A 170 -19.27 -11.40 6.15
CA ARG A 170 -20.26 -10.34 6.31
C ARG A 170 -19.94 -9.14 5.44
N TYR A 171 -18.68 -8.68 5.50
CA TYR A 171 -18.28 -7.54 4.70
C TYR A 171 -18.44 -7.80 3.21
N LEU A 172 -18.08 -9.00 2.74
CA LEU A 172 -18.22 -9.31 1.32
C LEU A 172 -19.68 -9.19 0.89
N GLU A 173 -20.62 -9.64 1.74
CA GLU A 173 -22.04 -9.55 1.41
C GLU A 173 -22.49 -8.10 1.45
N ASN A 174 -22.13 -7.37 2.52
CA ASN A 174 -22.60 -5.99 2.64
C ASN A 174 -21.99 -5.12 1.56
N GLY A 175 -20.75 -5.41 1.15
CA GLY A 175 -20.05 -4.73 0.08
C GLY A 175 -20.12 -5.40 -1.27
N LYS A 176 -21.13 -6.25 -1.54
CA LYS A 176 -21.11 -7.05 -2.76
C LYS A 176 -21.13 -6.23 -4.04
N GLU A 177 -21.58 -4.97 -3.98
CA GLU A 177 -21.59 -4.14 -5.19
C GLU A 177 -20.18 -3.87 -5.68
N THR A 178 -19.24 -3.66 -4.74
CA THR A 178 -17.88 -3.23 -5.04
C THR A 178 -16.83 -4.29 -4.76
N LEU A 179 -16.89 -4.93 -3.59
CA LEU A 179 -15.87 -5.93 -3.21
C LEU A 179 -15.94 -7.11 -4.14
N GLN A 180 -17.12 -7.37 -4.73
CA GLN A 180 -17.28 -8.50 -5.63
C GLN A 180 -17.37 -8.08 -7.08
N ARG A 181 -16.82 -6.92 -7.42
CA ARG A 181 -16.74 -6.43 -8.79
C ARG A 181 -15.29 -6.23 -9.16
N ALA A 182 -14.81 -6.87 -10.21
CA ALA A 182 -13.49 -6.61 -10.77
C ALA A 182 -13.69 -5.63 -11.91
N ASP A 183 -12.89 -4.56 -11.92
CA ASP A 183 -12.93 -3.60 -13.03
C ASP A 183 -11.75 -3.91 -13.92
N PRO A 184 -11.93 -4.29 -15.18
CA PRO A 184 -10.78 -4.68 -16.00
C PRO A 184 -9.95 -3.47 -16.36
N PRO A 185 -8.68 -3.67 -16.70
CA PRO A 185 -7.87 -2.55 -17.16
C PRO A 185 -8.36 -2.04 -18.51
N LYS A 186 -8.29 -0.73 -18.65
CA LYS A 186 -8.37 -0.07 -19.96
C LYS A 186 -6.93 0.03 -20.47
N THR A 187 -6.68 -0.53 -21.64
CA THR A 187 -5.31 -0.71 -22.09
C THR A 187 -5.05 -0.01 -23.43
N HIS A 188 -3.82 0.45 -23.62
CA HIS A 188 -3.40 1.03 -24.89
C HIS A 188 -1.88 1.10 -24.89
N VAL A 189 -1.32 1.30 -26.06
CA VAL A 189 0.13 1.42 -26.27
C VAL A 189 0.42 2.79 -26.82
N THR A 190 1.40 3.47 -26.24
CA THR A 190 1.91 4.73 -26.75
C THR A 190 3.34 4.58 -27.23
N HIS A 191 3.76 5.51 -28.07
CA HIS A 191 5.06 5.47 -28.74
C HIS A 191 5.77 6.80 -28.49
N HIS A 192 7.02 6.76 -28.02
CA HIS A 192 7.73 7.97 -27.57
C HIS A 192 9.14 7.99 -28.18
N PRO A 193 9.33 8.67 -29.30
CA PRO A 193 10.66 8.73 -29.91
C PRO A 193 11.73 9.15 -28.91
N ILE A 194 12.86 8.46 -28.95
CA ILE A 194 14.03 8.82 -28.15
C ILE A 194 15.09 9.49 -29.00
N SER A 195 15.34 8.92 -30.16
CA SER A 195 16.37 9.40 -31.08
C SER A 195 15.98 8.92 -32.46
N ASP A 196 16.86 9.13 -33.44
CA ASP A 196 16.58 8.57 -34.76
C ASP A 196 16.59 7.05 -34.72
N HIS A 197 17.21 6.43 -33.71
CA HIS A 197 17.50 5.01 -33.71
C HIS A 197 16.51 4.21 -32.90
N GLU A 198 15.76 4.84 -32.01
CA GLU A 198 14.93 4.04 -31.10
C GLU A 198 13.80 4.88 -30.52
N ALA A 199 12.78 4.18 -30.02
CA ALA A 199 11.64 4.83 -29.38
C ALA A 199 11.16 3.94 -28.25
N THR A 200 10.52 4.54 -27.26
CA THR A 200 9.89 3.75 -26.21
C THR A 200 8.49 3.32 -26.67
N LEU A 201 8.15 2.06 -26.44
CA LEU A 201 6.76 1.64 -26.48
C LEU A 201 6.31 1.44 -25.04
N ARG A 202 5.19 2.07 -24.65
CA ARG A 202 4.71 2.01 -23.27
C ARG A 202 3.32 1.41 -23.32
N CYS A 203 3.14 0.30 -22.59
CA CYS A 203 1.85 -0.38 -22.54
C CYS A 203 1.17 -0.03 -21.22
N TRP A 204 -0.03 0.52 -21.31
CA TRP A 204 -0.74 1.09 -20.16
C TRP A 204 -1.89 0.20 -19.76
N ALA A 205 -2.08 0.11 -18.44
CA ALA A 205 -3.28 -0.48 -17.87
C ALA A 205 -3.83 0.51 -16.85
N LEU A 206 -5.07 0.95 -17.06
CA LEU A 206 -5.67 2.01 -16.26
C LEU A 206 -7.03 1.59 -15.75
N GLY A 207 -7.42 2.14 -14.61
CA GLY A 207 -8.79 1.99 -14.10
C GLY A 207 -9.15 0.59 -13.61
N PHE A 208 -8.18 -0.21 -13.19
CA PHE A 208 -8.47 -1.61 -12.86
C PHE A 208 -8.57 -1.82 -11.35
N TYR A 209 -9.33 -2.82 -10.97
CA TYR A 209 -9.51 -3.25 -9.58
C TYR A 209 -9.81 -4.74 -9.64
N PRO A 210 -9.21 -5.57 -8.79
CA PRO A 210 -8.21 -5.26 -7.78
C PRO A 210 -6.83 -4.99 -8.38
N ALA A 211 -5.85 -4.77 -7.51
CA ALA A 211 -4.54 -4.27 -7.94
C ALA A 211 -3.72 -5.33 -8.69
N GLU A 212 -3.90 -6.63 -8.38
CA GLU A 212 -3.09 -7.67 -9.01
C GLU A 212 -3.26 -7.62 -10.51
N ILE A 213 -2.15 -7.66 -11.25
CA ILE A 213 -2.19 -7.60 -12.72
C ILE A 213 -0.84 -8.09 -13.20
N THR A 214 -0.80 -8.58 -14.44
CA THR A 214 0.48 -8.93 -15.07
C THR A 214 0.54 -8.23 -16.42
N LEU A 215 1.56 -7.38 -16.61
N LEU A 215 1.65 -7.55 -16.67
CA LEU A 215 1.86 -6.73 -17.89
CA LEU A 215 1.83 -6.69 -17.84
C LEU A 215 3.21 -7.22 -18.31
C LEU A 215 3.22 -7.00 -18.38
N THR A 216 3.31 -7.61 -19.57
CA THR A 216 4.61 -8.03 -20.09
C THR A 216 4.72 -7.67 -21.55
N TRP A 217 5.96 -7.46 -21.98
CA TRP A 217 6.27 -7.27 -23.39
C TRP A 217 6.97 -8.51 -23.93
N GLN A 218 6.61 -8.88 -25.15
CA GLN A 218 7.33 -9.90 -25.91
C GLN A 218 7.88 -9.27 -27.18
N ARG A 219 9.01 -9.78 -27.66
CA ARG A 219 9.55 -9.42 -28.97
C ARG A 219 9.75 -10.72 -29.74
N ASP A 220 9.10 -10.87 -30.90
CA ASP A 220 9.13 -12.13 -31.66
C ASP A 220 8.68 -13.29 -30.75
N GLY A 221 7.75 -13.03 -29.84
CA GLY A 221 7.26 -14.07 -28.96
C GLY A 221 8.11 -14.40 -27.74
N GLU A 222 9.21 -13.69 -27.51
N GLU A 222 9.22 -13.70 -27.51
CA GLU A 222 10.10 -13.93 -26.37
CA GLU A 222 10.09 -13.95 -26.37
C GLU A 222 9.86 -12.84 -25.33
C GLU A 222 9.86 -12.85 -25.34
N ASP A 223 9.62 -13.25 -24.09
CA ASP A 223 9.47 -12.29 -23.00
C ASP A 223 10.72 -11.42 -22.89
N GLN A 224 10.52 -10.13 -22.64
CA GLN A 224 11.59 -9.14 -22.56
C GLN A 224 11.84 -8.70 -21.13
N THR A 225 11.93 -9.65 -20.21
CA THR A 225 11.91 -9.28 -18.79
C THR A 225 13.06 -8.33 -18.45
N GLN A 226 14.28 -8.68 -18.85
N GLN A 226 14.29 -8.68 -18.83
CA GLN A 226 15.49 -7.93 -18.53
CA GLN A 226 15.42 -7.85 -18.44
C GLN A 226 15.61 -6.62 -19.31
C GLN A 226 15.34 -6.46 -19.04
N ASP A 227 14.65 -6.29 -20.17
CA ASP A 227 14.66 -5.05 -20.91
C ASP A 227 13.39 -4.25 -20.75
N THR A 228 12.51 -4.68 -19.87
CA THR A 228 11.26 -3.97 -19.63
C THR A 228 11.38 -3.14 -18.36
N GLU A 229 10.98 -1.88 -18.46
CA GLU A 229 10.78 -1.06 -17.28
C GLU A 229 9.34 -1.22 -16.83
N LEU A 230 9.15 -1.76 -15.63
CA LEU A 230 7.83 -2.07 -15.09
C LEU A 230 7.64 -1.22 -13.84
N VAL A 231 6.75 -0.22 -13.86
CA VAL A 231 6.56 0.61 -12.67
C VAL A 231 5.70 -0.12 -11.66
N GLU A 232 5.87 0.25 -10.39
CA GLU A 232 5.00 -0.29 -9.34
C GLU A 232 3.54 0.07 -9.62
N THR A 233 2.65 -0.90 -9.38
CA THR A 233 1.22 -0.61 -9.46
C THR A 233 0.88 0.53 -8.49
N ARG A 234 0.08 1.48 -8.95
CA ARG A 234 -0.10 2.73 -8.21
C ARG A 234 -1.58 3.11 -8.12
N PRO A 235 -1.99 3.70 -7.01
CA PRO A 235 -3.42 4.04 -6.85
C PRO A 235 -3.81 5.29 -7.65
N ALA A 236 -4.99 5.25 -8.29
CA ALA A 236 -5.49 6.41 -9.00
C ALA A 236 -6.18 7.38 -8.09
N GLY A 237 -6.72 6.92 -6.97
CA GLY A 237 -7.46 7.72 -6.00
C GLY A 237 -8.98 7.57 -6.09
N ASP A 238 -9.49 6.81 -7.08
CA ASP A 238 -10.93 6.54 -7.29
C ASP A 238 -11.27 5.06 -7.03
N ARG A 239 -10.45 4.38 -6.25
CA ARG A 239 -10.45 2.95 -5.90
C ARG A 239 -9.61 2.10 -6.84
N THR A 240 -9.35 2.60 -8.04
CA THR A 240 -8.69 1.79 -9.06
C THR A 240 -7.19 2.03 -9.06
N PHE A 241 -6.50 1.23 -9.85
CA PHE A 241 -5.05 1.21 -9.93
C PHE A 241 -4.60 1.45 -11.37
N GLN A 242 -3.31 1.74 -11.51
CA GLN A 242 -2.68 1.97 -12.80
C GLN A 242 -1.34 1.26 -12.82
N LYS A 243 -0.89 0.89 -14.02
CA LYS A 243 0.45 0.33 -14.19
C LYS A 243 0.86 0.52 -15.63
N TRP A 244 2.16 0.62 -15.88
CA TRP A 244 2.64 0.57 -17.26
C TRP A 244 3.94 -0.21 -17.33
N ALA A 245 4.23 -0.72 -18.54
CA ALA A 245 5.47 -1.44 -18.84
C ALA A 245 6.02 -0.84 -20.12
N ALA A 246 7.33 -0.56 -20.15
CA ALA A 246 7.93 0.08 -21.31
C ALA A 246 9.17 -0.64 -21.77
N VAL A 247 9.35 -0.66 -23.10
CA VAL A 247 10.51 -1.25 -23.76
C VAL A 247 11.08 -0.23 -24.73
N VAL A 248 12.39 -0.27 -24.92
CA VAL A 248 13.08 0.59 -25.89
C VAL A 248 13.25 -0.21 -27.17
N VAL A 249 12.68 0.30 -28.25
CA VAL A 249 12.46 -0.44 -29.47
C VAL A 249 13.26 0.16 -30.61
N PRO A 250 14.10 -0.58 -31.33
CA PRO A 250 14.80 0.02 -32.47
C PRO A 250 13.80 0.48 -33.52
N SER A 251 14.19 1.53 -34.25
CA SER A 251 13.35 2.09 -35.29
CA SER A 251 13.34 2.10 -35.28
C SER A 251 12.95 1.01 -36.27
N GLY A 252 11.66 0.99 -36.61
CA GLY A 252 11.12 0.05 -37.55
C GLY A 252 10.84 -1.33 -37.00
N GLU A 253 11.10 -1.59 -35.74
CA GLU A 253 10.83 -2.91 -35.14
C GLU A 253 9.52 -2.97 -34.39
N GLU A 254 8.71 -1.93 -34.43
CA GLU A 254 7.58 -1.84 -33.49
C GLU A 254 6.62 -3.01 -33.62
N GLN A 255 6.39 -3.52 -34.83
CA GLN A 255 5.37 -4.55 -34.95
C GLN A 255 5.85 -5.91 -34.45
N ARG A 256 7.15 -6.05 -34.12
CA ARG A 256 7.66 -7.28 -33.53
C ARG A 256 7.35 -7.37 -32.04
N TYR A 257 6.86 -6.30 -31.43
CA TYR A 257 6.62 -6.23 -30.00
C TYR A 257 5.14 -6.35 -29.69
N THR A 258 4.80 -7.16 -28.71
CA THR A 258 3.40 -7.31 -28.28
C THR A 258 3.34 -7.20 -26.77
N CYS A 259 2.33 -6.49 -26.29
CA CYS A 259 2.11 -6.36 -24.87
C CYS A 259 1.00 -7.34 -24.45
N HIS A 260 1.18 -7.97 -23.30
CA HIS A 260 0.28 -9.02 -22.80
C HIS A 260 -0.23 -8.62 -21.44
N VAL A 261 -1.55 -8.71 -21.26
CA VAL A 261 -2.20 -8.22 -20.06
C VAL A 261 -3.05 -9.34 -19.48
N GLN A 262 -2.87 -9.61 -18.18
CA GLN A 262 -3.69 -10.55 -17.44
C GLN A 262 -4.26 -9.83 -16.23
N HIS A 263 -5.56 -10.00 -16.03
CA HIS A 263 -6.25 -9.41 -14.90
C HIS A 263 -7.51 -10.21 -14.65
N GLU A 264 -7.89 -10.33 -13.37
CA GLU A 264 -9.06 -11.15 -13.09
C GLU A 264 -10.34 -10.61 -13.72
N GLY A 265 -10.40 -9.32 -14.07
CA GLY A 265 -11.56 -8.76 -14.75
C GLY A 265 -11.63 -9.05 -16.25
N LEU A 266 -10.60 -9.66 -16.82
CA LEU A 266 -10.53 -10.03 -18.22
C LEU A 266 -10.85 -11.51 -18.36
N PRO A 267 -11.82 -11.87 -19.19
CA PRO A 267 -12.12 -13.30 -19.40
CA PRO A 267 -12.11 -13.30 -19.40
C PRO A 267 -11.00 -14.02 -20.13
N LYS A 268 -10.22 -13.32 -20.94
N LYS A 268 -10.24 -13.32 -20.96
CA LYS A 268 -9.11 -13.87 -21.67
CA LYS A 268 -9.10 -13.88 -21.66
C LYS A 268 -8.00 -12.84 -21.61
C LYS A 268 -8.00 -12.84 -21.61
N PRO A 269 -6.75 -13.25 -21.48
CA PRO A 269 -5.65 -12.28 -21.53
C PRO A 269 -5.66 -11.52 -22.86
N LEU A 270 -5.21 -10.27 -22.80
CA LEU A 270 -5.19 -9.40 -23.96
C LEU A 270 -3.80 -9.41 -24.57
N THR A 271 -3.73 -9.27 -25.90
CA THR A 271 -2.51 -8.92 -26.62
C THR A 271 -2.72 -7.59 -27.35
N LEU A 272 -1.77 -6.67 -27.20
CA LEU A 272 -1.84 -5.37 -27.86
C LEU A 272 -0.55 -5.07 -28.59
N ARG A 273 -0.68 -4.26 -29.64
CA ARG A 273 0.46 -3.71 -30.36
C ARG A 273 0.29 -2.22 -30.52
N TRP A 274 1.40 -1.55 -30.81
CA TRP A 274 1.34 -0.16 -31.24
C TRP A 274 0.55 -0.05 -32.53
N GLU A 275 -0.42 0.87 -32.53
N GLU A 275 -0.39 0.89 -32.56
CA GLU A 275 -1.26 1.17 -33.68
CA GLU A 275 -1.26 1.12 -33.72
C GLU A 275 -0.96 2.60 -34.10
C GLU A 275 -1.05 2.56 -34.19
N PRO A 276 -0.07 2.81 -35.09
CA PRO A 276 0.17 4.16 -35.60
C PRO A 276 -1.05 4.68 -36.34
N MET B 1 20.87 0.85 11.72
CA MET B 1 19.47 1.06 11.31
C MET B 1 19.33 1.02 9.79
N ILE B 2 18.50 0.08 9.29
CA ILE B 2 18.31 -0.07 7.85
C ILE B 2 17.57 1.13 7.30
N GLN B 3 17.83 1.46 6.05
CA GLN B 3 17.09 2.51 5.39
C GLN B 3 16.81 2.09 3.95
N ARG B 4 15.62 2.45 3.48
CA ARG B 4 15.19 2.15 2.12
CA ARG B 4 15.21 2.17 2.11
C ARG B 4 14.67 3.44 1.51
N THR B 5 15.21 3.84 0.34
CA THR B 5 14.85 5.14 -0.20
C THR B 5 13.54 5.03 -0.99
N PRO B 6 12.73 6.09 -0.99
CA PRO B 6 11.43 5.98 -1.65
C PRO B 6 11.52 5.90 -3.16
N LYS B 7 10.61 5.10 -3.71
N LYS B 7 10.71 5.03 -3.73
CA LYS B 7 10.22 5.16 -5.11
CA LYS B 7 10.31 5.21 -5.11
C LYS B 7 9.12 6.20 -5.28
C LYS B 7 9.31 6.35 -5.13
N ILE B 8 9.27 7.05 -6.27
CA ILE B 8 8.42 8.22 -6.43
C ILE B 8 7.79 8.15 -7.81
N GLN B 9 6.47 8.21 -7.88
CA GLN B 9 5.77 8.37 -9.15
C GLN B 9 4.82 9.55 -9.05
N VAL B 10 4.87 10.44 -10.06
CA VAL B 10 3.96 11.57 -10.10
C VAL B 10 3.15 11.45 -11.38
N TYR B 11 1.82 11.55 -11.27
CA TYR B 11 0.94 11.13 -12.37
C TYR B 11 -0.48 11.65 -12.10
N SER B 12 -1.32 11.55 -13.12
CA SER B 12 -2.69 12.02 -12.95
C SER B 12 -3.66 10.85 -12.81
N ARG B 13 -4.81 11.15 -12.22
CA ARG B 13 -5.83 10.11 -12.02
C ARG B 13 -6.40 9.66 -13.37
N HIS B 14 -6.59 10.58 -14.32
N HIS B 14 -6.68 10.62 -14.25
CA HIS B 14 -7.00 10.23 -15.66
CA HIS B 14 -7.28 10.51 -15.55
C HIS B 14 -6.05 10.80 -16.70
C HIS B 14 -6.24 10.94 -16.59
N PRO B 15 -6.09 10.31 -17.95
N PRO B 15 -6.22 10.39 -17.81
CA PRO B 15 -5.26 10.89 -19.01
CA PRO B 15 -5.27 10.91 -18.81
C PRO B 15 -5.45 12.39 -19.11
C PRO B 15 -5.46 12.41 -18.93
N ALA B 16 -4.35 13.12 -19.07
CA ALA B 16 -4.40 14.57 -19.05
C ALA B 16 -5.05 15.12 -20.31
N GLU B 17 -5.97 16.06 -20.11
CA GLU B 17 -6.55 16.82 -21.21
CA GLU B 17 -6.59 16.82 -21.20
C GLU B 17 -6.54 18.28 -20.80
N ASN B 18 -5.87 19.11 -21.59
CA ASN B 18 -5.66 20.50 -21.21
C ASN B 18 -7.01 21.18 -20.98
N GLY B 19 -7.11 21.86 -19.85
CA GLY B 19 -8.31 22.58 -19.47
C GLY B 19 -9.36 21.77 -18.74
N LYS B 20 -9.15 20.48 -18.54
N LYS B 20 -9.12 20.49 -18.51
CA LYS B 20 -10.12 19.63 -17.89
CA LYS B 20 -10.10 19.60 -17.89
C LYS B 20 -9.62 19.25 -16.49
C LYS B 20 -9.63 19.21 -16.50
N SER B 21 -10.48 19.41 -15.50
CA SER B 21 -10.11 19.15 -14.11
C SER B 21 -9.77 17.66 -13.91
N ASN B 22 -8.81 17.42 -13.04
CA ASN B 22 -8.17 16.11 -12.87
C ASN B 22 -7.63 16.04 -11.44
N PHE B 23 -6.91 14.96 -11.12
CA PHE B 23 -6.18 14.88 -9.86
C PHE B 23 -4.72 14.62 -10.15
N LEU B 24 -3.87 15.33 -9.42
CA LEU B 24 -2.42 15.13 -9.48
C LEU B 24 -2.04 14.32 -8.26
N ASN B 25 -1.35 13.20 -8.51
CA ASN B 25 -0.97 12.23 -7.50
C ASN B 25 0.54 12.15 -7.40
N CYS B 26 1.05 12.02 -6.17
CA CYS B 26 2.44 11.64 -5.97
C CYS B 26 2.41 10.44 -5.03
N TYR B 27 2.82 9.30 -5.55
CA TYR B 27 2.84 8.04 -4.82
C TYR B 27 4.28 7.76 -4.43
N VAL B 28 4.53 7.64 -3.14
CA VAL B 28 5.84 7.31 -2.62
C VAL B 28 5.73 5.97 -1.96
N SER B 29 6.68 5.09 -2.27
CA SER B 29 6.54 3.72 -1.82
C SER B 29 7.92 3.09 -1.58
N GLY B 30 7.92 1.95 -0.91
CA GLY B 30 9.15 1.20 -0.76
C GLY B 30 10.12 1.77 0.23
N PHE B 31 9.70 2.67 1.12
CA PHE B 31 10.64 3.41 1.96
C PHE B 31 10.60 2.97 3.42
N HIS B 32 11.72 3.22 4.09
CA HIS B 32 11.90 2.99 5.53
C HIS B 32 13.06 3.86 5.97
N PRO B 33 12.95 4.57 7.10
CA PRO B 33 11.81 4.65 8.01
C PRO B 33 10.66 5.45 7.41
N SER B 34 9.58 5.56 8.17
CA SER B 34 8.32 6.12 7.66
C SER B 34 8.29 7.65 7.59
N ASP B 35 9.21 8.35 8.25
CA ASP B 35 9.22 9.82 8.25
C ASP B 35 9.52 10.27 6.84
N ILE B 36 8.65 11.11 6.26
CA ILE B 36 8.83 11.55 4.90
C ILE B 36 8.09 12.88 4.76
N GLU B 37 8.58 13.73 3.88
CA GLU B 37 7.86 14.96 3.59
CA GLU B 37 7.95 15.01 3.59
C GLU B 37 7.68 15.07 2.09
N VAL B 38 6.46 15.41 1.70
CA VAL B 38 6.08 15.44 0.29
C VAL B 38 5.35 16.74 0.01
N ASP B 39 5.79 17.44 -1.02
CA ASP B 39 5.11 18.62 -1.53
C ASP B 39 4.72 18.40 -2.98
N LEU B 40 3.58 18.92 -3.38
CA LEU B 40 3.25 19.03 -4.79
C LEU B 40 3.50 20.47 -5.19
N LEU B 41 4.09 20.65 -6.36
CA LEU B 41 4.51 21.96 -6.84
C LEU B 41 3.77 22.32 -8.12
N LYS B 42 3.39 23.59 -8.24
CA LYS B 42 2.88 24.19 -9.49
C LYS B 42 3.84 25.31 -9.87
N ASN B 43 4.49 25.18 -11.03
CA ASN B 43 5.44 26.19 -11.48
C ASN B 43 6.47 26.51 -10.39
N GLY B 44 6.94 25.47 -9.69
CA GLY B 44 7.96 25.60 -8.68
C GLY B 44 7.49 25.93 -7.29
N GLU B 45 6.20 26.25 -7.10
CA GLU B 45 5.72 26.72 -5.81
CA GLU B 45 5.68 26.75 -5.83
C GLU B 45 4.79 25.68 -5.19
N ARG B 46 4.84 25.59 -3.86
CA ARG B 46 4.06 24.60 -3.13
C ARG B 46 2.55 24.83 -3.27
N ILE B 47 1.85 23.77 -3.63
CA ILE B 47 0.40 23.80 -3.67
C ILE B 47 -0.11 23.63 -2.25
N GLU B 48 -1.05 24.50 -1.84
CA GLU B 48 -1.60 24.41 -0.50
C GLU B 48 -2.69 23.36 -0.37
N LYS B 49 -2.87 22.85 0.85
CA LYS B 49 -4.02 21.99 1.20
C LYS B 49 -4.01 20.63 0.48
N VAL B 50 -2.83 20.15 0.11
CA VAL B 50 -2.70 18.82 -0.47
C VAL B 50 -3.08 17.80 0.58
N GLU B 51 -3.80 16.74 0.18
CA GLU B 51 -4.23 15.69 1.09
C GLU B 51 -3.36 14.44 0.91
N HIS B 52 -3.41 13.56 1.91
CA HIS B 52 -2.64 12.31 1.80
C HIS B 52 -3.35 11.17 2.51
N SER B 53 -2.98 9.97 2.12
CA SER B 53 -3.53 8.75 2.69
C SER B 53 -2.94 8.51 4.08
N ASP B 54 -3.52 7.55 4.79
CA ASP B 54 -2.94 7.11 6.06
C ASP B 54 -1.84 6.08 5.84
N LEU B 55 -0.77 6.24 6.58
CA LEU B 55 0.39 5.37 6.49
C LEU B 55 0.01 3.90 6.52
N SER B 56 0.48 3.17 5.51
CA SER B 56 0.27 1.73 5.43
C SER B 56 1.55 1.14 4.87
N PHE B 57 1.61 -0.18 4.74
CA PHE B 57 2.84 -0.82 4.31
C PHE B 57 2.54 -2.07 3.50
N SER B 58 3.58 -2.49 2.77
CA SER B 58 3.52 -3.61 1.85
C SER B 58 3.92 -4.92 2.54
N LYS B 59 3.86 -6.01 1.77
CA LYS B 59 4.21 -7.31 2.30
CA LYS B 59 4.22 -7.33 2.29
C LYS B 59 5.64 -7.34 2.84
N ASP B 60 6.57 -6.58 2.24
CA ASP B 60 7.95 -6.53 2.68
C ASP B 60 8.19 -5.50 3.78
N TRP B 61 7.13 -4.95 4.37
CA TRP B 61 7.14 -3.99 5.47
C TRP B 61 7.44 -2.58 5.03
N SER B 62 7.83 -2.33 3.79
CA SER B 62 8.13 -0.96 3.39
C SER B 62 6.85 -0.13 3.30
N PHE B 63 6.99 1.17 3.55
CA PHE B 63 5.82 2.02 3.65
C PHE B 63 5.39 2.61 2.30
N TYR B 64 4.12 3.00 2.22
CA TYR B 64 3.66 3.76 1.04
C TYR B 64 2.64 4.79 1.47
N LEU B 65 2.60 5.91 0.71
CA LEU B 65 1.66 7.01 0.91
C LEU B 65 1.31 7.60 -0.45
N LEU B 66 0.09 8.10 -0.56
CA LEU B 66 -0.35 8.86 -1.71
C LEU B 66 -0.66 10.28 -1.27
N TYR B 67 -0.06 11.25 -1.95
CA TYR B 67 -0.39 12.69 -1.78
C TYR B 67 -1.13 13.11 -3.03
N TYR B 68 -2.16 13.95 -2.88
CA TYR B 68 -2.99 14.24 -4.04
C TYR B 68 -3.71 15.58 -3.89
N THR B 69 -4.00 16.17 -5.05
CA THR B 69 -4.75 17.42 -5.08
C THR B 69 -5.45 17.52 -6.43
N GLU B 70 -6.55 18.27 -6.45
CA GLU B 70 -7.22 18.64 -7.70
CA GLU B 70 -7.18 18.59 -7.72
C GLU B 70 -6.27 19.49 -8.54
N PHE B 71 -6.26 19.28 -9.86
CA PHE B 71 -5.54 20.23 -10.73
C PHE B 71 -6.21 20.22 -12.09
N THR B 72 -5.96 21.28 -12.87
CA THR B 72 -6.48 21.36 -14.22
C THR B 72 -5.26 21.59 -15.10
N PRO B 73 -4.73 20.55 -15.74
CA PRO B 73 -3.51 20.72 -16.54
C PRO B 73 -3.72 21.65 -17.73
N THR B 74 -2.64 22.32 -18.12
CA THR B 74 -2.62 23.17 -19.31
C THR B 74 -1.36 22.85 -20.11
N GLU B 75 -1.18 23.51 -21.25
CA GLU B 75 0.03 23.26 -22.02
C GLU B 75 1.27 23.73 -21.29
N LYS B 76 1.20 24.90 -20.62
CA LYS B 76 2.41 25.54 -20.14
C LYS B 76 2.68 25.32 -18.65
N ASP B 77 1.68 24.99 -17.85
CA ASP B 77 1.91 24.86 -16.43
C ASP B 77 2.73 23.61 -16.13
N GLU B 78 3.70 23.75 -15.23
N GLU B 78 3.75 23.77 -15.30
CA GLU B 78 4.61 22.67 -14.85
CA GLU B 78 4.57 22.65 -14.85
C GLU B 78 4.34 22.19 -13.43
C GLU B 78 4.07 22.19 -13.48
N TYR B 79 4.14 20.90 -13.25
CA TYR B 79 3.85 20.32 -11.94
C TYR B 79 4.96 19.35 -11.58
N ALA B 80 5.13 19.13 -10.28
CA ALA B 80 6.19 18.26 -9.80
C ALA B 80 5.84 17.81 -8.40
N CYS B 81 6.56 16.79 -7.95
N CYS B 81 6.52 16.79 -7.96
CA CYS B 81 6.51 16.31 -6.58
CA CYS B 81 6.51 16.55 -6.55
C CYS B 81 7.91 16.38 -5.97
C CYS B 81 7.92 16.70 -6.05
N ARG B 82 8.01 16.92 -4.75
CA ARG B 82 9.29 17.13 -4.07
C ARG B 82 9.27 16.32 -2.79
N VAL B 83 10.25 15.44 -2.63
CA VAL B 83 10.23 14.46 -1.55
C VAL B 83 11.51 14.63 -0.73
N ASN B 84 11.38 14.64 0.59
CA ASN B 84 12.55 14.58 1.47
CA ASN B 84 12.56 14.55 1.45
C ASN B 84 12.42 13.36 2.38
N HIS B 85 13.55 12.70 2.60
CA HIS B 85 13.63 11.45 3.35
C HIS B 85 15.06 11.35 3.87
N VAL B 86 15.28 10.60 4.94
CA VAL B 86 16.62 10.51 5.53
C VAL B 86 17.62 9.96 4.52
N THR B 87 17.17 9.11 3.58
CA THR B 87 18.07 8.54 2.58
C THR B 87 18.50 9.53 1.52
N LEU B 88 17.95 10.75 1.51
CA LEU B 88 18.23 11.72 0.46
C LEU B 88 19.08 12.86 1.00
N SER B 89 20.20 13.15 0.33
CA SER B 89 21.06 14.25 0.77
CA SER B 89 21.06 14.25 0.75
C SER B 89 20.44 15.61 0.46
N GLN B 90 19.51 15.67 -0.49
CA GLN B 90 18.78 16.88 -0.80
C GLN B 90 17.40 16.44 -1.26
N PRO B 91 16.41 17.32 -1.21
CA PRO B 91 15.07 16.95 -1.68
C PRO B 91 15.12 16.50 -3.14
N LYS B 92 14.34 15.48 -3.45
CA LYS B 92 14.27 14.95 -4.80
C LYS B 92 13.01 15.51 -5.45
N ILE B 93 13.18 16.16 -6.60
CA ILE B 93 12.07 16.70 -7.37
C ILE B 93 11.86 15.81 -8.60
N VAL B 94 10.65 15.26 -8.74
CA VAL B 94 10.26 14.50 -9.92
C VAL B 94 9.20 15.33 -10.65
N LYS B 95 9.45 15.65 -11.92
N LYS B 95 9.48 15.70 -11.90
CA LYS B 95 8.55 16.48 -12.71
CA LYS B 95 8.53 16.46 -12.69
C LYS B 95 7.43 15.64 -13.31
C LYS B 95 7.38 15.56 -13.13
N TRP B 96 6.19 16.15 -13.23
CA TRP B 96 5.07 15.47 -13.86
C TRP B 96 5.27 15.47 -15.37
N ASP B 97 5.15 14.29 -15.97
CA ASP B 97 5.15 14.10 -17.41
C ASP B 97 3.85 13.38 -17.72
N ARG B 98 2.98 14.01 -18.52
CA ARG B 98 1.69 13.39 -18.79
C ARG B 98 1.80 12.07 -19.55
N ASP B 99 2.96 11.73 -20.09
CA ASP B 99 3.18 10.48 -20.79
C ASP B 99 3.72 9.37 -19.89
N MET B 100 3.77 9.60 -18.57
CA MET B 100 4.18 8.59 -17.61
C MET B 100 3.19 8.53 -16.47
N GLY C 1 -13.79 -7.03 11.55
CA GLY C 1 -13.71 -6.65 12.96
C GLY C 1 -12.42 -7.18 13.56
N ARG C 2 -11.83 -6.45 14.52
CA ARG C 2 -10.46 -6.71 14.97
C ARG C 2 -10.37 -7.81 16.02
N LEU C 3 -9.14 -8.34 16.13
CA LEU C 3 -8.74 -9.19 17.23
C LEU C 3 -8.71 -8.36 18.53
N ASN C 4 -9.33 -8.89 19.59
N ASN C 4 -9.24 -8.90 19.64
CA ASN C 4 -9.35 -8.31 20.93
CA ASN C 4 -9.22 -8.13 20.88
C ASN C 4 -8.63 -9.29 21.83
C ASN C 4 -8.22 -8.62 21.92
N GLN C 5 -7.31 -9.25 21.79
N GLN C 5 -7.44 -9.67 21.63
CA GLN C 5 -6.48 -10.18 22.55
CA GLN C 5 -6.50 -10.28 22.56
C GLN C 5 -5.23 -9.41 22.79
C GLN C 5 -5.26 -9.43 22.78
N PRO C 6 -5.04 -8.86 23.97
CA PRO C 6 -3.79 -8.14 24.25
C PRO C 6 -2.60 -9.06 24.11
N ILE C 7 -1.59 -8.62 23.37
CA ILE C 7 -0.38 -9.42 23.11
C ILE C 7 0.82 -8.48 23.20
N LYS C 8 1.72 -8.74 24.14
CA LYS C 8 2.90 -7.90 24.38
C LYS C 8 4.17 -8.68 24.10
N VAL C 9 5.13 -8.03 23.45
CA VAL C 9 6.39 -8.67 23.09
C VAL C 9 7.29 -8.94 24.30
C1 GOL D . -3.32 -3.29 1.54
O1 GOL D . -2.00 -3.07 0.98
C2 GOL D . -4.11 -4.17 0.51
O2 GOL D . -4.12 -3.58 -0.78
C3 GOL D . -3.47 -5.62 0.50
O3 GOL D . -3.58 -6.24 1.80
C1 GOL E . 7.45 -15.09 7.71
O1 GOL E . 8.48 -16.07 7.77
C2 GOL E . 8.09 -13.78 7.11
O2 GOL E . 8.53 -13.96 5.75
C3 GOL E . 6.98 -12.73 7.23
O3 GOL E . 7.51 -11.55 6.59
C1 GOL F . 2.00 -12.38 25.88
O1 GOL F . 3.24 -11.70 26.22
C2 GOL F . 0.89 -11.66 26.66
O2 GOL F . 0.79 -10.32 26.29
C3 GOL F . -0.43 -12.53 26.43
O3 GOL F . -0.91 -12.33 25.09
C1 GOL G . -17.88 -12.26 13.64
O1 GOL G . -17.93 -12.54 14.98
C2 GOL G . -19.32 -12.24 13.19
O2 GOL G . -20.18 -11.87 14.21
C3 GOL G . -19.39 -11.28 12.05
O3 GOL G . -20.73 -11.04 11.94
#